data_2XJC
#
_entry.id   2XJC
#
_cell.length_a   91.540
_cell.length_b   127.360
_cell.length_c   130.240
_cell.angle_alpha   90.00
_cell.angle_beta   90.00
_cell.angle_gamma   90.00
#
_symmetry.space_group_name_H-M   'I 2 2 2'
#
loop_
_entity.id
_entity.type
_entity.pdbx_description
1 polymer "CYTOSOLIC PURINE 5'-NUCLEOTIDASE"
2 non-polymer "GUANOSINE-5'-MONOPHOSPHATE"
3 non-polymer "BIS(ADENOSINE)-5'-TETRAPHOSPHATE"
4 non-polymer GLYCEROL
5 non-polymer 'MAGNESIUM ION'
6 water water
#
_entity_poly.entity_id   1
_entity_poly.type   'polypeptide(L)'
_entity_poly.pdbx_seq_one_letter_code
;GSSHHHHHHSSGLVPRGSMSTSWSDRLQNAADMPANMDKHALKKYRREAYHRVFVNRSLAMEKIKCFGFNMDYTLAVYKS
PEYESLGFELTVERLVSIGYPQELLSFAYDSTFPTRGLVFDTLYGNLLKVDAYGNLLVCAHGFNFIRGPETREQYPNKFI
QRDDTERFYILNTLFNLPETYLLACLVDFFTNCPRYTSCETGFKDGDLFMSYRSMFQDVRDAVDWVHYKGSLKEKTVENL
EKYVVKDGKLPLLLSRMKEVGKVFLATNSDYKYTDKIMTYLFDFPHGPKPGSSHRPWQSYFDLILVDARKPLFFGEGTVL
RQVDTKTGKLKIGTYTGPLQHGIVYSGGSSDTICDLLGAKGKDILYIGDHIFGDILKSKKRQGWRTFLVIPELAQELHVW
TDKSSLFEELQSLDIFLAELYKHLDSSSNERPDISSIQRRIKKVTHDMDMCYGMMGSLFRSGSRQTLFASQVMRYADLYA
ASFINLLYYPFSYLFRAAHVLMPHESTVEHTHVDINEMESPLATRNRTSVDFKDTDYKRHQLTRSISEIKPPNL
;
_entity_poly.pdbx_strand_id   A
#
# COMPACT_ATOMS: atom_id res chain seq x y z
N THR A 21 -15.36 12.61 -3.88
CA THR A 21 -14.16 12.43 -4.76
C THR A 21 -13.02 11.73 -4.03
N SER A 22 -12.97 10.40 -4.14
CA SER A 22 -11.92 9.62 -3.52
C SER A 22 -10.62 9.66 -4.36
N TRP A 23 -9.53 9.16 -3.79
CA TRP A 23 -8.28 9.10 -4.54
C TRP A 23 -8.42 8.15 -5.75
N SER A 24 -9.30 7.15 -5.65
CA SER A 24 -9.44 6.20 -6.77
C SER A 24 -10.24 6.82 -7.92
N ASP A 25 -11.07 7.82 -7.59
CA ASP A 25 -11.89 8.59 -8.56
C ASP A 25 -10.94 9.40 -9.45
N ARG A 26 -10.04 10.14 -8.79
CA ARG A 26 -8.92 10.84 -9.45
C ARG A 26 -8.14 9.89 -10.38
N LEU A 27 -7.76 8.73 -9.88
CA LEU A 27 -7.02 7.74 -10.67
C LEU A 27 -7.82 7.18 -11.86
N GLN A 28 -9.07 6.79 -11.63
CA GLN A 28 -9.91 6.34 -12.74
C GLN A 28 -10.15 7.46 -13.79
N ASN A 29 -10.17 8.72 -13.36
CA ASN A 29 -10.37 9.84 -14.31
C ASN A 29 -9.23 9.93 -15.30
N ALA A 30 -8.01 9.85 -14.77
CA ALA A 30 -6.79 9.82 -15.56
C ALA A 30 -6.69 8.54 -16.39
N ALA A 31 -7.16 7.41 -15.83
CA ALA A 31 -7.21 6.11 -16.53
C ALA A 31 -8.08 6.17 -17.81
N ASP A 32 -9.15 6.95 -17.78
CA ASP A 32 -10.07 7.06 -18.91
C ASP A 32 -9.50 7.89 -20.06
N MET A 33 -8.45 8.65 -19.79
CA MET A 33 -7.75 9.43 -20.82
C MET A 33 -6.87 8.53 -21.70
N PRO A 34 -6.98 8.68 -23.04
CA PRO A 34 -6.04 8.02 -23.93
C PRO A 34 -4.68 8.70 -23.89
N ALA A 35 -3.63 7.95 -24.21
CA ALA A 35 -2.28 8.51 -24.25
C ALA A 35 -2.01 9.27 -25.54
N ASN A 36 -1.78 10.57 -25.39
CA ASN A 36 -1.23 11.37 -26.48
C ASN A 36 0.29 11.34 -26.33
N MET A 37 0.96 10.67 -27.26
CA MET A 37 2.40 10.36 -27.14
C MET A 37 3.32 11.37 -27.85
N ASP A 38 2.73 12.47 -28.34
CA ASP A 38 3.46 13.58 -28.92
C ASP A 38 4.46 14.05 -27.86
N LYS A 39 5.71 14.21 -28.25
CA LYS A 39 6.81 14.48 -27.30
C LYS A 39 6.65 15.76 -26.45
N HIS A 40 5.95 16.76 -27.01
CA HIS A 40 5.59 18.02 -26.33
C HIS A 40 4.38 17.91 -25.39
N ALA A 41 3.37 17.15 -25.81
CA ALA A 41 2.23 16.88 -24.96
C ALA A 41 2.67 16.07 -23.71
N LEU A 42 3.60 15.13 -23.91
CA LEU A 42 4.18 14.37 -22.78
C LEU A 42 4.86 15.28 -21.76
N LYS A 43 5.71 16.17 -22.26
CA LYS A 43 6.43 17.10 -21.39
C LYS A 43 5.49 18.02 -20.59
N LYS A 44 4.41 18.47 -21.24
CA LYS A 44 3.42 19.35 -20.60
C LYS A 44 2.51 18.62 -19.58
N TYR A 45 2.20 17.36 -19.84
CA TYR A 45 1.41 16.54 -18.90
C TYR A 45 2.13 16.35 -17.55
N ARG A 46 3.41 15.98 -17.60
CA ARG A 46 4.22 15.77 -16.40
C ARG A 46 4.63 17.10 -15.75
N ARG A 47 3.92 18.18 -16.08
CA ARG A 47 4.05 19.44 -15.34
C ARG A 47 3.21 19.31 -14.07
N GLU A 48 2.01 18.75 -14.24
CA GLU A 48 1.03 18.63 -13.15
C GLU A 48 1.47 17.58 -12.17
N ALA A 49 1.42 17.92 -10.90
CA ALA A 49 1.88 17.04 -9.84
C ALA A 49 1.25 15.65 -9.92
N TYR A 50 -0.03 15.56 -10.32
CA TYR A 50 -0.76 14.28 -10.44
C TYR A 50 -0.06 13.29 -11.38
N HIS A 51 0.68 13.79 -12.35
CA HIS A 51 1.26 12.99 -13.38
C HIS A 51 2.77 12.93 -13.32
N ARG A 52 3.33 13.46 -12.24
CA ARG A 52 4.77 13.48 -12.08
C ARG A 52 5.26 12.25 -11.38
N VAL A 53 6.54 11.94 -11.64
CA VAL A 53 7.30 10.97 -10.86
C VAL A 53 8.21 11.79 -9.93
N PHE A 54 8.06 11.60 -8.61
CA PHE A 54 8.90 12.35 -7.67
C PHE A 54 10.20 11.62 -7.36
N VAL A 55 11.25 12.35 -7.05
CA VAL A 55 12.59 11.75 -6.99
C VAL A 55 13.22 11.98 -5.63
N ASN A 56 13.54 10.89 -4.91
CA ASN A 56 14.29 10.98 -3.65
C ASN A 56 15.81 10.83 -3.85
N ARG A 57 16.20 9.93 -4.76
CA ARG A 57 17.63 9.71 -5.07
C ARG A 57 17.70 9.61 -6.60
N SER A 58 18.76 10.15 -7.19
CA SER A 58 18.89 10.19 -8.65
C SER A 58 18.86 8.81 -9.25
N LEU A 59 18.27 8.69 -10.44
CA LEU A 59 18.14 7.42 -11.13
C LEU A 59 18.20 7.66 -12.65
N ALA A 60 19.24 7.08 -13.28
CA ALA A 60 19.37 7.12 -14.73
C ALA A 60 18.55 5.95 -15.32
N MET A 61 17.45 6.28 -15.98
CA MET A 61 16.55 5.24 -16.54
C MET A 61 17.24 4.38 -17.57
N GLU A 62 18.21 4.95 -18.27
CA GLU A 62 19.06 4.24 -19.22
C GLU A 62 19.78 3.02 -18.60
N LYS A 63 20.04 3.08 -17.29
CA LYS A 63 20.74 2.01 -16.58
C LYS A 63 19.82 0.88 -16.12
N ILE A 64 18.50 1.12 -16.21
CA ILE A 64 17.51 0.10 -15.81
C ILE A 64 17.36 -0.94 -16.94
N LYS A 65 17.69 -2.20 -16.63
CA LYS A 65 17.53 -3.27 -17.62
C LYS A 65 16.29 -4.16 -17.44
N CYS A 66 15.66 -4.12 -16.24
CA CYS A 66 14.47 -4.95 -15.90
C CYS A 66 13.50 -4.13 -15.09
N PHE A 67 12.24 -4.13 -15.52
CA PHE A 67 11.21 -3.47 -14.77
C PHE A 67 10.35 -4.55 -14.10
N GLY A 68 10.22 -4.47 -12.77
CA GLY A 68 9.49 -5.49 -12.05
C GLY A 68 8.27 -4.86 -11.43
N PHE A 69 7.18 -5.62 -11.39
CA PHE A 69 5.89 -5.12 -10.90
C PHE A 69 5.30 -6.02 -9.85
N ASN A 70 4.61 -5.39 -8.93
CA ASN A 70 3.75 -6.04 -8.01
C ASN A 70 2.37 -5.97 -8.65
N MET A 71 1.42 -6.83 -8.26
CA MET A 71 0.07 -6.75 -8.82
C MET A 71 -0.86 -5.90 -7.97
N ASP A 72 -1.15 -6.36 -6.76
CA ASP A 72 -2.21 -5.69 -5.97
C ASP A 72 -1.85 -4.31 -5.43
N TYR A 73 -2.71 -3.35 -5.72
CA TYR A 73 -2.49 -1.92 -5.46
C TYR A 73 -1.30 -1.33 -6.18
N THR A 74 -0.87 -1.98 -7.26
CA THR A 74 0.18 -1.40 -8.08
C THR A 74 -0.36 -1.43 -9.50
N LEU A 75 -0.42 -2.62 -10.08
CA LEU A 75 -1.08 -2.82 -11.36
C LEU A 75 -2.60 -2.82 -11.18
N ALA A 76 -3.08 -3.49 -10.13
CA ALA A 76 -4.51 -3.61 -9.87
C ALA A 76 -4.82 -2.71 -8.71
N VAL A 77 -5.34 -1.52 -8.98
CA VAL A 77 -5.63 -0.58 -7.91
C VAL A 77 -7.14 -0.69 -7.63
N TYR A 78 -7.49 -1.05 -6.40
CA TYR A 78 -8.89 -1.28 -6.05
C TYR A 78 -9.58 0.01 -5.70
N LYS A 79 -10.82 0.15 -6.18
CA LYS A 79 -11.60 1.38 -6.04
C LYS A 79 -12.03 1.58 -4.58
N SER A 80 -11.97 2.86 -4.18
CA SER A 80 -12.22 3.35 -2.83
C SER A 80 -13.44 4.26 -2.80
N PRO A 81 -14.32 4.12 -1.77
CA PRO A 81 -14.24 3.21 -0.63
C PRO A 81 -14.86 1.81 -0.81
N GLU A 82 -15.28 1.46 -2.03
CA GLU A 82 -16.04 0.22 -2.27
C GLU A 82 -15.27 -1.01 -1.85
N TYR A 83 -13.99 -1.09 -2.24
CA TYR A 83 -13.23 -2.29 -1.90
C TYR A 83 -12.90 -2.39 -0.39
N GLU A 84 -12.50 -1.28 0.24
CA GLU A 84 -12.32 -1.23 1.69
C GLU A 84 -13.60 -1.64 2.43
N SER A 85 -14.77 -1.11 2.00
N SER A 85 -14.75 -1.11 1.99
CA SER A 85 -16.08 -1.48 2.55
CA SER A 85 -16.07 -1.49 2.53
C SER A 85 -16.40 -2.99 2.42
C SER A 85 -16.38 -2.98 2.43
N LEU A 86 -16.09 -3.57 1.26
CA LEU A 86 -16.25 -5.00 1.04
C LEU A 86 -15.38 -5.80 2.03
N GLY A 87 -14.12 -5.42 2.19
CA GLY A 87 -13.22 -6.12 3.10
C GLY A 87 -13.70 -5.96 4.52
N PHE A 88 -14.08 -4.73 4.87
CA PHE A 88 -14.64 -4.46 6.20
C PHE A 88 -15.89 -5.33 6.51
N GLU A 89 -16.87 -5.37 5.60
CA GLU A 89 -18.08 -6.22 5.79
C GLU A 89 -17.75 -7.68 5.98
N LEU A 90 -16.89 -8.22 5.12
CA LEU A 90 -16.51 -9.65 5.23
C LEU A 90 -15.70 -9.97 6.48
N THR A 91 -14.86 -9.03 6.95
CA THR A 91 -14.10 -9.22 8.20
C THR A 91 -15.06 -9.20 9.38
N VAL A 92 -15.97 -8.23 9.38
CA VAL A 92 -16.96 -8.16 10.43
C VAL A 92 -17.79 -9.48 10.45
N GLU A 93 -18.24 -9.94 9.28
N GLU A 93 -18.23 -9.92 9.26
CA GLU A 93 -19.06 -11.15 9.25
CA GLU A 93 -19.03 -11.15 9.10
C GLU A 93 -18.31 -12.38 9.76
C GLU A 93 -18.29 -12.32 9.75
N ARG A 94 -17.01 -12.44 9.47
CA ARG A 94 -16.15 -13.51 10.02
C ARG A 94 -16.05 -13.49 11.56
N LEU A 95 -15.83 -12.31 12.15
CA LEU A 95 -15.85 -12.13 13.59
C LEU A 95 -17.18 -12.49 14.27
N VAL A 96 -18.29 -12.06 13.68
CA VAL A 96 -19.59 -12.44 14.20
C VAL A 96 -19.76 -13.95 14.12
N SER A 97 -19.36 -14.57 13.01
CA SER A 97 -19.51 -16.02 12.88
C SER A 97 -18.64 -16.86 13.86
N ILE A 98 -17.50 -16.31 14.30
CA ILE A 98 -16.69 -16.97 15.33
C ILE A 98 -17.09 -16.59 16.79
N GLY A 99 -18.06 -15.71 16.94
CA GLY A 99 -18.63 -15.47 18.27
C GLY A 99 -18.72 -14.05 18.77
N TYR A 100 -18.19 -13.10 18.00
CA TYR A 100 -18.27 -11.68 18.34
C TYR A 100 -19.73 -11.22 18.36
N PRO A 101 -20.06 -10.23 19.20
CA PRO A 101 -21.47 -9.85 19.31
C PRO A 101 -22.13 -9.32 18.03
N GLN A 102 -23.44 -9.52 17.93
CA GLN A 102 -24.28 -9.13 16.82
C GLN A 102 -24.18 -7.66 16.47
N GLU A 103 -23.92 -6.81 17.47
CA GLU A 103 -23.83 -5.37 17.24
C GLU A 103 -22.79 -4.98 16.19
N LEU A 104 -21.72 -5.78 16.06
CA LEU A 104 -20.74 -5.58 15.01
C LEU A 104 -21.43 -5.41 13.66
N LEU A 105 -22.58 -6.08 13.49
CA LEU A 105 -23.31 -6.08 12.21
C LEU A 105 -23.85 -4.71 11.81
N SER A 106 -23.91 -3.80 12.77
CA SER A 106 -24.37 -2.45 12.53
C SER A 106 -23.25 -1.42 12.29
N PHE A 107 -21.98 -1.84 12.34
CA PHE A 107 -20.84 -1.01 11.94
C PHE A 107 -20.94 -0.80 10.42
N ALA A 108 -20.49 0.35 9.92
CA ALA A 108 -20.40 0.54 8.49
C ALA A 108 -19.11 1.26 8.23
N TYR A 109 -18.37 0.79 7.21
CA TYR A 109 -17.08 1.37 6.90
C TYR A 109 -17.20 2.89 6.74
N ASP A 110 -16.26 3.63 7.29
CA ASP A 110 -16.22 5.08 7.13
C ASP A 110 -14.84 5.44 6.63
N SER A 111 -14.74 5.83 5.36
CA SER A 111 -13.45 6.14 4.77
C SER A 111 -12.77 7.40 5.33
N THR A 112 -13.50 8.22 6.10
CA THR A 112 -12.96 9.47 6.64
C THR A 112 -12.19 9.30 7.94
N PHE A 113 -12.28 8.12 8.55
CA PHE A 113 -11.55 7.85 9.76
C PHE A 113 -10.09 7.44 9.49
N PRO A 114 -9.85 6.32 8.75
CA PRO A 114 -8.48 5.79 8.72
C PRO A 114 -7.55 6.50 7.74
N THR A 115 -6.34 6.72 8.20
CA THR A 115 -5.22 7.08 7.34
C THR A 115 -4.30 5.88 7.35
N ARG A 116 -3.60 5.63 6.25
CA ARG A 116 -2.66 4.51 6.19
C ARG A 116 -1.35 4.75 6.99
N GLY A 117 -0.78 3.66 7.52
CA GLY A 117 0.51 3.69 8.19
C GLY A 117 0.37 3.93 9.70
N LEU A 118 -0.86 3.88 10.23
CA LEU A 118 -1.02 3.93 11.69
C LEU A 118 -0.44 2.72 12.39
N VAL A 119 -0.17 2.89 13.69
CA VAL A 119 0.41 1.85 14.53
C VAL A 119 -0.62 1.49 15.57
N PHE A 120 -0.99 0.20 15.64
CA PHE A 120 -1.87 -0.23 16.72
C PHE A 120 -1.03 -0.72 17.86
N ASP A 121 -1.29 -0.14 19.04
CA ASP A 121 -0.63 -0.55 20.24
C ASP A 121 -1.52 -1.60 20.87
N THR A 122 -1.07 -2.87 20.84
CA THR A 122 -1.88 -3.99 21.38
C THR A 122 -1.91 -4.02 22.93
N LEU A 123 -1.08 -3.21 23.59
CA LEU A 123 -1.11 -3.20 25.05
C LEU A 123 -2.31 -2.38 25.49
N TYR A 124 -2.43 -1.14 24.98
CA TYR A 124 -3.47 -0.21 25.46
C TYR A 124 -4.63 0.06 24.52
N GLY A 125 -4.62 -0.56 23.34
CA GLY A 125 -5.77 -0.47 22.46
C GLY A 125 -5.86 0.84 21.70
N ASN A 126 -4.73 1.49 21.45
CA ASN A 126 -4.74 2.80 20.81
C ASN A 126 -4.27 2.66 19.38
N LEU A 127 -4.83 3.47 18.46
CA LEU A 127 -4.20 3.72 17.17
C LEU A 127 -3.33 4.94 17.31
N LEU A 128 -2.09 4.81 16.85
CA LEU A 128 -1.12 5.91 16.96
C LEU A 128 -0.61 6.35 15.61
N LYS A 129 -0.50 7.67 15.40
CA LYS A 129 0.26 8.17 14.24
C LYS A 129 1.56 8.66 14.83
N VAL A 130 2.66 8.16 14.31
CA VAL A 130 3.95 8.47 14.90
C VAL A 130 4.92 8.99 13.84
N ASP A 131 5.96 9.70 14.29
CA ASP A 131 7.06 10.03 13.37
C ASP A 131 8.11 8.90 13.29
N ALA A 132 9.22 9.17 12.58
CA ALA A 132 10.25 8.13 12.30
C ALA A 132 10.96 7.63 13.55
N TYR A 133 10.82 8.38 14.64
CA TYR A 133 11.53 8.15 15.90
C TYR A 133 10.59 7.54 16.94
N GLY A 134 9.35 7.27 16.56
CA GLY A 134 8.39 6.77 17.51
C GLY A 134 7.73 7.85 18.36
N ASN A 135 7.89 9.13 18.00
CA ASN A 135 7.17 10.18 18.72
C ASN A 135 5.70 10.23 18.32
N LEU A 136 4.84 10.41 19.31
CA LEU A 136 3.41 10.41 19.10
C LEU A 136 2.98 11.70 18.49
N LEU A 137 2.30 11.60 17.34
CA LEU A 137 1.68 12.73 16.66
C LEU A 137 0.18 12.71 16.93
N VAL A 138 -0.42 11.52 16.87
CA VAL A 138 -1.87 11.40 17.18
C VAL A 138 -2.07 10.13 17.98
N CYS A 139 -3.05 10.16 18.87
CA CYS A 139 -3.42 9.01 19.69
C CYS A 139 -4.94 8.94 19.80
N ALA A 140 -5.54 7.86 19.29
CA ALA A 140 -6.98 7.68 19.37
C ALA A 140 -7.29 6.37 20.07
N HIS A 141 -8.09 6.43 21.13
CA HIS A 141 -8.61 5.24 21.77
C HIS A 141 -10.08 5.14 21.36
N GLY A 142 -10.44 4.11 20.58
CA GLY A 142 -11.75 4.11 19.93
C GLY A 142 -11.81 5.32 18.99
N PHE A 143 -12.88 6.12 19.14
CA PHE A 143 -13.03 7.37 18.39
C PHE A 143 -12.68 8.58 19.26
N ASN A 144 -12.00 8.33 20.37
CA ASN A 144 -11.67 9.35 21.33
C ASN A 144 -10.22 9.78 21.13
N PHE A 145 -10.01 11.00 20.65
CA PHE A 145 -8.67 11.51 20.36
C PHE A 145 -8.05 12.07 21.62
N ILE A 146 -6.96 11.43 22.04
CA ILE A 146 -6.30 11.75 23.30
C ILE A 146 -5.36 12.93 23.07
N ARG A 147 -5.61 14.03 23.77
CA ARG A 147 -4.79 15.23 23.63
C ARG A 147 -3.52 15.16 24.46
N GLY A 148 -2.53 15.95 24.07
CA GLY A 148 -1.21 15.99 24.72
C GLY A 148 -1.09 15.43 26.14
N PRO A 149 -1.52 16.21 27.17
CA PRO A 149 -1.33 15.84 28.59
C PRO A 149 -1.83 14.45 28.99
N GLU A 150 -3.03 14.07 28.54
CA GLU A 150 -3.60 12.76 28.88
C GLU A 150 -2.86 11.55 28.27
N THR A 151 -2.13 11.74 27.16
CA THR A 151 -1.38 10.61 26.58
C THR A 151 -0.14 10.25 27.42
N ARG A 152 0.25 11.14 28.34
CA ARG A 152 1.42 10.92 29.19
C ARG A 152 1.21 9.88 30.29
N GLU A 153 -0.04 9.63 30.67
CA GLU A 153 -0.34 8.53 31.58
C GLU A 153 0.20 7.20 30.99
N GLN A 154 -0.10 6.92 29.71
CA GLN A 154 0.32 5.68 29.01
C GLN A 154 1.66 5.75 28.26
N TYR A 155 2.04 6.96 27.83
CA TYR A 155 3.26 7.23 27.06
C TYR A 155 3.97 8.40 27.75
N PRO A 156 4.71 8.08 28.84
CA PRO A 156 5.34 9.12 29.68
C PRO A 156 6.30 10.01 28.90
N ASN A 157 6.86 9.47 27.82
CA ASN A 157 7.82 10.20 27.03
C ASN A 157 7.25 10.54 25.67
N LYS A 158 5.94 10.41 25.53
CA LYS A 158 5.19 10.59 24.26
C LYS A 158 5.91 9.89 23.10
N PHE A 159 6.25 8.64 23.31
CA PHE A 159 7.18 7.94 22.48
C PHE A 159 6.87 6.44 22.60
N ILE A 160 6.99 5.72 21.49
CA ILE A 160 6.97 4.26 21.48
C ILE A 160 8.29 3.67 20.94
N GLN A 161 8.64 2.48 21.44
CA GLN A 161 9.80 1.71 20.93
C GLN A 161 9.38 0.94 19.70
N ARG A 162 9.68 1.51 18.53
CA ARG A 162 9.45 0.86 17.25
C ARG A 162 10.04 -0.57 17.10
N ASP A 163 11.18 -0.84 17.75
N ASP A 163 11.19 -0.83 17.72
CA ASP A 163 11.75 -2.19 17.77
CA ASP A 163 11.74 -2.19 17.82
C ASP A 163 10.89 -3.22 18.57
C ASP A 163 10.69 -3.20 18.29
N ASP A 164 9.79 -2.76 19.18
CA ASP A 164 8.87 -3.66 19.90
C ASP A 164 7.73 -4.09 18.99
N THR A 165 8.11 -4.91 18.02
CA THR A 165 7.24 -5.29 16.95
C THR A 165 6.21 -6.34 17.44
N GLU A 166 6.45 -6.96 18.59
CA GLU A 166 5.39 -7.78 19.23
C GLU A 166 4.23 -6.94 19.78
N ARG A 167 4.53 -5.80 20.39
CA ARG A 167 3.48 -4.90 20.91
C ARG A 167 2.81 -4.01 19.84
N PHE A 168 3.58 -3.54 18.86
CA PHE A 168 3.11 -2.52 17.93
C PHE A 168 2.96 -3.08 16.55
N TYR A 169 1.80 -2.86 15.93
CA TYR A 169 1.63 -3.34 14.57
C TYR A 169 1.41 -2.16 13.60
N ILE A 170 2.27 -2.05 12.60
CA ILE A 170 2.18 -0.96 11.64
C ILE A 170 1.31 -1.39 10.46
N LEU A 171 0.29 -0.57 10.22
CA LEU A 171 -0.74 -0.86 9.22
C LEU A 171 -0.27 -0.24 7.91
N ASN A 172 0.66 -0.91 7.23
CA ASN A 172 1.34 -0.36 6.08
C ASN A 172 0.54 -0.19 4.79
N THR A 173 -0.46 -1.03 4.55
CA THR A 173 -1.05 -1.07 3.21
C THR A 173 -2.49 -0.65 3.15
N LEU A 174 -2.94 -0.42 1.91
CA LEU A 174 -4.34 -0.11 1.67
C LEU A 174 -5.24 -1.30 2.06
N PHE A 175 -4.70 -2.53 2.03
CA PHE A 175 -5.44 -3.69 2.56
C PHE A 175 -5.70 -3.57 4.06
N ASN A 176 -4.93 -2.74 4.74
CA ASN A 176 -5.09 -2.54 6.21
C ASN A 176 -6.07 -1.43 6.61
N LEU A 177 -6.61 -0.71 5.63
CA LEU A 177 -7.60 0.34 5.95
C LEU A 177 -8.86 -0.19 6.64
N PRO A 178 -9.47 -1.29 6.12
CA PRO A 178 -10.61 -1.84 6.86
C PRO A 178 -10.33 -2.24 8.33
N GLU A 179 -9.21 -2.91 8.59
CA GLU A 179 -8.92 -3.27 9.97
C GLU A 179 -8.55 -2.06 10.81
N THR A 180 -7.90 -1.05 10.21
CA THR A 180 -7.63 0.19 10.94
C THR A 180 -8.94 0.75 11.49
N TYR A 181 -9.94 0.86 10.62
CA TYR A 181 -11.22 1.42 11.09
C TYR A 181 -11.92 0.44 12.05
N LEU A 182 -11.84 -0.87 11.75
CA LEU A 182 -12.52 -1.87 12.56
C LEU A 182 -11.96 -1.95 14.01
N LEU A 183 -10.65 -1.88 14.14
CA LEU A 183 -10.03 -1.80 15.45
C LEU A 183 -10.62 -0.65 16.29
N ALA A 184 -10.67 0.57 15.74
CA ALA A 184 -11.30 1.72 16.42
C ALA A 184 -12.80 1.49 16.77
N CYS A 185 -13.57 1.01 15.79
CA CYS A 185 -14.94 0.53 16.00
C CYS A 185 -15.10 -0.42 17.19
N LEU A 186 -14.28 -1.48 17.23
CA LEU A 186 -14.34 -2.48 18.29
C LEU A 186 -14.00 -1.84 19.63
N VAL A 187 -12.91 -1.07 19.71
CA VAL A 187 -12.56 -0.43 20.99
C VAL A 187 -13.69 0.52 21.43
N ASP A 188 -14.22 1.31 20.49
CA ASP A 188 -15.37 2.18 20.78
C ASP A 188 -16.58 1.39 21.29
N PHE A 189 -16.91 0.27 20.62
CA PHE A 189 -18.05 -0.58 21.02
C PHE A 189 -17.94 -1.15 22.44
N PHE A 190 -16.85 -1.86 22.74
CA PHE A 190 -16.74 -2.48 24.07
C PHE A 190 -16.63 -1.44 25.18
N THR A 191 -15.96 -0.31 24.94
CA THR A 191 -15.88 0.79 25.92
C THR A 191 -17.26 1.31 26.29
N ASN A 192 -18.10 1.53 25.28
CA ASN A 192 -19.42 2.13 25.53
C ASN A 192 -20.60 1.20 25.81
N CYS A 193 -20.37 -0.10 25.72
CA CYS A 193 -21.41 -1.07 25.97
C CYS A 193 -21.37 -1.48 27.44
N PRO A 194 -22.52 -1.40 28.13
CA PRO A 194 -22.44 -1.59 29.57
C PRO A 194 -22.34 -3.03 30.05
N ARG A 195 -22.43 -4.00 29.13
N ARG A 195 -22.45 -4.01 29.16
CA ARG A 195 -22.15 -5.42 29.40
CA ARG A 195 -22.11 -5.43 29.49
C ARG A 195 -20.65 -5.72 29.65
C ARG A 195 -20.64 -5.57 29.91
N TYR A 196 -19.77 -4.79 29.29
CA TYR A 196 -18.30 -4.89 29.50
C TYR A 196 -17.73 -3.83 30.44
N THR A 197 -16.74 -4.22 31.23
CA THR A 197 -15.99 -3.27 32.07
C THR A 197 -14.61 -2.98 31.42
N SER A 198 -14.26 -1.71 31.27
CA SER A 198 -13.01 -1.30 30.66
C SER A 198 -11.86 -1.38 31.65
N CYS A 199 -10.77 -2.03 31.27
CA CYS A 199 -9.55 -2.04 32.08
C CYS A 199 -8.41 -1.42 31.25
N GLU A 200 -7.24 -1.30 31.86
CA GLU A 200 -6.09 -0.68 31.20
C GLU A 200 -5.76 -1.42 29.88
N THR A 201 -5.82 -2.76 29.91
CA THR A 201 -5.32 -3.58 28.79
C THR A 201 -6.38 -4.40 28.06
N GLY A 202 -7.64 -4.13 28.37
CA GLY A 202 -8.77 -4.71 27.63
C GLY A 202 -10.10 -4.60 28.36
N PHE A 203 -10.95 -5.61 28.21
CA PHE A 203 -12.35 -5.55 28.62
C PHE A 203 -12.70 -6.78 29.37
N LYS A 204 -13.40 -6.58 30.48
N LYS A 204 -13.43 -6.63 30.47
CA LYS A 204 -13.98 -7.65 31.27
CA LYS A 204 -13.87 -7.76 31.28
C LYS A 204 -15.43 -7.88 30.83
C LYS A 204 -15.39 -7.95 31.10
N ASP A 205 -15.80 -9.14 30.63
CA ASP A 205 -17.22 -9.52 30.43
C ASP A 205 -17.58 -10.62 31.43
N GLY A 206 -17.86 -10.25 32.68
CA GLY A 206 -18.03 -11.24 33.75
C GLY A 206 -16.75 -11.99 34.07
N ASP A 207 -16.77 -13.31 33.82
CA ASP A 207 -15.62 -14.23 33.98
C ASP A 207 -14.76 -14.41 32.71
N LEU A 208 -14.96 -13.56 31.71
CA LEU A 208 -14.13 -13.59 30.51
C LEU A 208 -13.34 -12.29 30.40
N PHE A 209 -12.04 -12.38 30.12
CA PHE A 209 -11.25 -11.18 29.90
C PHE A 209 -10.69 -11.15 28.47
N MET A 210 -11.03 -10.12 27.72
CA MET A 210 -10.49 -9.95 26.41
C MET A 210 -9.50 -8.78 26.40
N SER A 211 -8.24 -9.11 26.17
CA SER A 211 -7.19 -8.10 26.10
C SER A 211 -7.27 -7.44 24.74
N TYR A 212 -6.77 -6.22 24.65
CA TYR A 212 -6.71 -5.57 23.37
C TYR A 212 -5.83 -6.39 22.42
N ARG A 213 -4.82 -7.07 22.96
CA ARG A 213 -3.95 -7.91 22.15
C ARG A 213 -4.66 -9.10 21.48
N SER A 214 -5.48 -9.81 22.23
CA SER A 214 -6.19 -10.92 21.65
C SER A 214 -7.29 -10.41 20.72
N MET A 215 -7.90 -9.26 21.04
CA MET A 215 -8.85 -8.63 20.13
C MET A 215 -8.19 -8.31 18.78
N PHE A 216 -7.01 -7.73 18.81
CA PHE A 216 -6.29 -7.39 17.60
C PHE A 216 -5.94 -8.66 16.81
N GLN A 217 -5.52 -9.72 17.52
CA GLN A 217 -5.18 -10.98 16.88
C GLN A 217 -6.42 -11.58 16.21
N ASP A 218 -7.58 -11.52 16.86
CA ASP A 218 -8.83 -11.97 16.21
C ASP A 218 -9.06 -11.16 14.93
N VAL A 219 -8.86 -9.83 14.94
CA VAL A 219 -9.12 -9.02 13.76
C VAL A 219 -8.13 -9.44 12.64
N ARG A 220 -6.84 -9.47 12.97
CA ARG A 220 -5.79 -9.88 12.06
C ARG A 220 -6.09 -11.27 11.42
N ASP A 221 -6.48 -12.24 12.25
CA ASP A 221 -6.79 -13.60 11.83
C ASP A 221 -8.01 -13.60 10.88
N ALA A 222 -9.00 -12.77 11.20
CA ALA A 222 -10.23 -12.61 10.42
C ALA A 222 -9.95 -12.00 9.05
N VAL A 223 -9.06 -10.98 9.00
CA VAL A 223 -8.64 -10.39 7.71
C VAL A 223 -7.93 -11.46 6.87
N ASP A 224 -6.97 -12.16 7.49
CA ASP A 224 -6.22 -13.22 6.81
C ASP A 224 -7.16 -14.27 6.23
N TRP A 225 -8.11 -14.72 7.04
CA TRP A 225 -9.14 -15.67 6.68
C TRP A 225 -9.94 -15.17 5.45
N VAL A 226 -10.41 -13.92 5.48
CA VAL A 226 -11.18 -13.33 4.38
C VAL A 226 -10.42 -13.36 3.03
N HIS A 227 -9.13 -13.03 3.07
CA HIS A 227 -8.19 -13.13 1.95
C HIS A 227 -7.87 -14.55 1.49
N TYR A 228 -7.73 -15.46 2.44
CA TYR A 228 -7.25 -16.79 2.15
C TYR A 228 -8.40 -17.83 1.95
N LYS A 229 -9.38 -17.83 2.84
CA LYS A 229 -10.41 -18.85 2.82
C LYS A 229 -11.79 -18.24 2.61
N GLY A 230 -11.91 -16.92 2.73
CA GLY A 230 -13.21 -16.25 2.61
C GLY A 230 -13.62 -15.92 1.18
N SER A 231 -14.54 -14.97 1.05
CA SER A 231 -15.13 -14.74 -0.27
C SER A 231 -14.76 -13.41 -0.92
N LEU A 232 -13.75 -12.70 -0.35
CA LEU A 232 -13.26 -11.44 -0.93
C LEU A 232 -12.89 -11.55 -2.41
N LYS A 233 -12.02 -12.51 -2.73
CA LYS A 233 -11.59 -12.73 -4.12
C LYS A 233 -12.75 -13.09 -5.05
N GLU A 234 -13.62 -14.00 -4.61
CA GLU A 234 -14.78 -14.38 -5.41
C GLU A 234 -15.71 -13.18 -5.67
N LYS A 235 -15.93 -12.37 -4.63
N LYS A 235 -15.93 -12.35 -4.65
CA LYS A 235 -16.81 -11.20 -4.72
CA LYS A 235 -16.85 -11.21 -4.77
C LYS A 235 -16.20 -10.13 -5.62
C LYS A 235 -16.22 -10.02 -5.50
N THR A 236 -14.89 -9.97 -5.54
CA THR A 236 -14.15 -8.98 -6.36
C THR A 236 -14.31 -9.29 -7.84
N VAL A 237 -14.03 -10.55 -8.20
CA VAL A 237 -14.02 -11.08 -9.56
C VAL A 237 -15.42 -11.10 -10.20
N GLU A 238 -16.46 -11.30 -9.41
CA GLU A 238 -17.81 -11.25 -9.97
C GLU A 238 -18.30 -9.79 -10.18
N ASN A 239 -17.50 -8.80 -9.77
CA ASN A 239 -17.78 -7.39 -10.12
C ASN A 239 -16.55 -6.51 -10.31
N LEU A 240 -15.76 -6.83 -11.30
CA LEU A 240 -14.47 -6.18 -11.51
C LEU A 240 -14.58 -4.69 -11.79
N GLU A 241 -15.56 -4.26 -12.59
N GLU A 241 -15.59 -4.30 -12.56
CA GLU A 241 -15.68 -2.82 -12.85
CA GLU A 241 -15.82 -2.89 -12.91
C GLU A 241 -15.93 -2.03 -11.57
C GLU A 241 -16.09 -2.01 -11.67
N LYS A 242 -16.73 -2.61 -10.67
CA LYS A 242 -17.02 -1.96 -9.39
C LYS A 242 -15.80 -1.78 -8.50
N TYR A 243 -14.91 -2.77 -8.53
CA TYR A 243 -13.84 -2.90 -7.57
C TYR A 243 -12.44 -2.58 -8.09
N VAL A 244 -12.22 -2.57 -9.41
CA VAL A 244 -10.82 -2.48 -9.93
C VAL A 244 -10.67 -1.37 -10.97
N VAL A 245 -9.75 -0.42 -10.74
CA VAL A 245 -9.38 0.62 -11.73
C VAL A 245 -8.80 -0.05 -13.03
N LYS A 246 -9.28 0.36 -14.20
CA LYS A 246 -8.79 -0.20 -15.46
C LYS A 246 -8.27 0.92 -16.34
N ASP A 247 -7.17 0.71 -17.05
CA ASP A 247 -6.50 1.78 -17.82
C ASP A 247 -5.94 1.26 -19.15
N GLY A 248 -6.40 1.82 -20.26
CA GLY A 248 -5.90 1.45 -21.59
C GLY A 248 -4.43 1.73 -21.78
N LYS A 249 -3.88 2.68 -21.02
CA LYS A 249 -2.47 3.04 -21.06
C LYS A 249 -1.51 2.01 -20.44
N LEU A 250 -2.03 1.06 -19.64
CA LEU A 250 -1.16 0.03 -19.01
C LEU A 250 -0.45 -0.84 -20.06
N PRO A 251 -1.20 -1.49 -21.00
CA PRO A 251 -0.50 -2.21 -22.07
C PRO A 251 0.53 -1.39 -22.88
N LEU A 252 0.24 -0.11 -23.08
CA LEU A 252 1.19 0.73 -23.82
C LEU A 252 2.50 0.91 -23.04
N LEU A 253 2.40 1.20 -21.74
CA LEU A 253 3.62 1.43 -20.93
C LEU A 253 4.46 0.16 -20.81
N LEU A 254 3.79 -0.97 -20.53
CA LEU A 254 4.45 -2.25 -20.43
C LEU A 254 5.13 -2.62 -21.72
N SER A 255 4.48 -2.34 -22.84
CA SER A 255 5.04 -2.73 -24.15
C SER A 255 6.25 -1.85 -24.53
N ARG A 256 6.24 -0.59 -24.10
CA ARG A 256 7.39 0.30 -24.29
C ARG A 256 8.56 -0.11 -23.39
N MET A 257 8.25 -0.58 -22.18
CA MET A 257 9.29 -1.05 -21.26
C MET A 257 9.98 -2.27 -21.85
N LYS A 258 9.18 -3.15 -22.44
CA LYS A 258 9.70 -4.36 -23.06
C LYS A 258 10.57 -4.10 -24.27
N GLU A 259 10.42 -2.92 -24.88
CA GLU A 259 11.27 -2.54 -26.01
C GLU A 259 12.71 -2.27 -25.60
N VAL A 260 12.92 -1.82 -24.38
CA VAL A 260 14.26 -1.45 -23.90
C VAL A 260 14.80 -2.31 -22.75
N GLY A 261 13.99 -3.25 -22.28
CA GLY A 261 14.41 -4.08 -21.16
C GLY A 261 13.52 -5.27 -20.99
N LYS A 262 13.71 -5.94 -19.86
CA LYS A 262 12.89 -7.07 -19.47
C LYS A 262 11.84 -6.63 -18.50
N VAL A 263 10.71 -7.33 -18.48
CA VAL A 263 9.60 -6.97 -17.60
C VAL A 263 9.20 -8.21 -16.83
N PHE A 264 9.00 -8.08 -15.51
CA PHE A 264 8.58 -9.23 -14.70
C PHE A 264 7.48 -8.86 -13.70
N LEU A 265 6.75 -9.87 -13.29
CA LEU A 265 5.70 -9.74 -12.27
C LEU A 265 6.09 -10.58 -11.06
N ALA A 266 5.98 -10.03 -9.85
CA ALA A 266 6.26 -10.80 -8.63
C ALA A 266 5.16 -10.44 -7.66
N THR A 267 4.22 -11.35 -7.44
CA THR A 267 3.03 -11.04 -6.63
C THR A 267 2.94 -11.99 -5.44
N ASN A 268 2.42 -11.53 -4.31
CA ASN A 268 2.18 -12.46 -3.24
C ASN A 268 0.93 -13.29 -3.47
N SER A 269 0.10 -12.93 -4.46
N SER A 269 0.15 -12.94 -4.52
CA SER A 269 -1.14 -13.68 -4.68
CA SER A 269 -1.12 -13.60 -4.81
C SER A 269 -0.86 -15.00 -5.42
C SER A 269 -0.92 -14.90 -5.63
N ASP A 270 -1.94 -15.78 -5.59
CA ASP A 270 -1.89 -17.08 -6.25
C ASP A 270 -2.14 -16.92 -7.77
N TYR A 271 -1.83 -17.94 -8.53
CA TYR A 271 -2.00 -17.83 -10.00
C TYR A 271 -3.45 -17.57 -10.47
N LYS A 272 -4.41 -18.32 -9.92
CA LYS A 272 -5.81 -18.22 -10.38
C LYS A 272 -6.36 -16.82 -10.22
N TYR A 273 -6.19 -16.22 -9.06
CA TYR A 273 -6.58 -14.84 -8.88
C TYR A 273 -5.80 -13.83 -9.79
N THR A 274 -4.48 -13.97 -9.83
CA THR A 274 -3.62 -13.15 -10.70
C THR A 274 -4.12 -13.21 -12.15
N ASP A 275 -4.41 -14.42 -12.61
CA ASP A 275 -4.91 -14.60 -13.95
C ASP A 275 -6.26 -13.89 -14.16
N LYS A 276 -7.20 -13.97 -13.20
CA LYS A 276 -8.48 -13.29 -13.35
C LYS A 276 -8.29 -11.77 -13.41
N ILE A 277 -7.53 -11.24 -12.44
CA ILE A 277 -7.32 -9.77 -12.32
C ILE A 277 -6.56 -9.18 -13.52
N MET A 278 -5.45 -9.82 -13.88
CA MET A 278 -4.63 -9.40 -15.04
C MET A 278 -5.36 -9.49 -16.38
N THR A 279 -6.15 -10.54 -16.60
CA THR A 279 -6.98 -10.63 -17.81
C THR A 279 -7.91 -9.41 -17.91
N TYR A 280 -8.57 -9.11 -16.80
CA TYR A 280 -9.40 -7.93 -16.71
C TYR A 280 -8.61 -6.65 -17.01
N LEU A 281 -7.40 -6.48 -16.45
CA LEU A 281 -6.65 -5.25 -16.68
C LEU A 281 -6.22 -5.02 -18.16
N PHE A 282 -6.10 -6.10 -18.93
CA PHE A 282 -5.73 -6.04 -20.32
C PHE A 282 -6.94 -6.25 -21.25
N ASP A 283 -8.16 -6.35 -20.68
CA ASP A 283 -9.34 -6.61 -21.50
C ASP A 283 -9.82 -5.34 -22.20
N PHE A 284 -9.28 -5.11 -23.40
CA PHE A 284 -9.64 -3.99 -24.27
C PHE A 284 -9.74 -4.59 -25.65
N PRO A 285 -10.50 -3.94 -26.56
CA PRO A 285 -10.63 -4.50 -27.89
C PRO A 285 -9.37 -4.26 -28.73
N HIS A 286 -8.21 -4.16 -28.10
CA HIS A 286 -6.93 -3.87 -28.76
C HIS A 286 -5.77 -4.28 -27.87
N GLY A 287 -4.55 -4.25 -28.41
CA GLY A 287 -3.32 -4.51 -27.65
C GLY A 287 -2.75 -3.23 -27.03
N PRO A 288 -1.43 -2.99 -27.17
CA PRO A 288 -0.79 -1.79 -26.56
C PRO A 288 -1.49 -0.48 -26.90
N LYS A 289 -1.87 -0.28 -28.17
CA LYS A 289 -2.59 0.92 -28.57
C LYS A 289 -3.80 0.56 -29.46
N PRO A 290 -4.80 1.47 -29.53
CA PRO A 290 -5.95 1.28 -30.42
C PRO A 290 -5.51 0.88 -31.82
N GLY A 291 -6.22 -0.11 -32.39
CA GLY A 291 -5.94 -0.63 -33.73
C GLY A 291 -5.01 -1.84 -33.74
N SER A 292 -4.29 -2.06 -32.65
CA SER A 292 -3.38 -3.22 -32.57
C SER A 292 -4.11 -4.45 -32.03
N SER A 293 -3.69 -5.64 -32.44
CA SER A 293 -4.34 -6.86 -31.94
C SER A 293 -4.19 -6.99 -30.41
N HIS A 294 -5.26 -7.44 -29.76
CA HIS A 294 -5.18 -7.76 -28.36
C HIS A 294 -4.21 -8.91 -28.17
N ARG A 295 -3.39 -8.84 -27.12
CA ARG A 295 -2.57 -10.01 -26.75
C ARG A 295 -2.74 -10.35 -25.28
N PRO A 296 -2.53 -11.64 -24.93
CA PRO A 296 -2.72 -12.13 -23.57
C PRO A 296 -1.85 -11.34 -22.62
N TRP A 297 -2.32 -11.08 -21.40
CA TRP A 297 -1.51 -10.38 -20.42
C TRP A 297 -0.11 -11.00 -20.22
N GLN A 298 -0.02 -12.33 -20.24
CA GLN A 298 1.25 -13.03 -19.97
C GLN A 298 2.31 -12.65 -20.97
N SER A 299 1.91 -12.28 -22.19
CA SER A 299 2.89 -11.93 -23.25
C SER A 299 3.67 -10.65 -22.93
N TYR A 300 3.20 -9.87 -21.96
CA TYR A 300 3.89 -8.62 -21.61
C TYR A 300 5.06 -8.82 -20.61
N PHE A 301 5.22 -10.06 -20.14
CA PHE A 301 6.22 -10.36 -19.10
C PHE A 301 7.21 -11.44 -19.50
N ASP A 302 8.47 -11.17 -19.21
CA ASP A 302 9.55 -12.12 -19.44
C ASP A 302 9.60 -13.15 -18.33
N LEU A 303 8.99 -12.84 -17.17
CA LEU A 303 8.99 -13.75 -16.07
C LEU A 303 7.79 -13.42 -15.18
N ILE A 304 6.99 -14.43 -14.85
CA ILE A 304 5.82 -14.27 -13.98
C ILE A 304 6.01 -15.11 -12.76
N LEU A 305 5.83 -14.52 -11.59
CA LEU A 305 6.11 -15.23 -10.34
C LEU A 305 5.00 -14.89 -9.36
N VAL A 306 4.34 -15.94 -8.87
CA VAL A 306 3.22 -15.83 -7.96
C VAL A 306 3.62 -16.43 -6.61
N ASP A 307 2.75 -16.33 -5.61
CA ASP A 307 3.04 -16.83 -4.26
C ASP A 307 4.45 -16.43 -3.83
N ALA A 308 4.82 -15.16 -4.03
CA ALA A 308 6.21 -14.71 -3.80
C ALA A 308 6.64 -14.75 -2.36
N ARG A 309 5.66 -14.64 -1.46
N ARG A 309 5.68 -14.64 -1.45
CA ARG A 309 5.89 -14.47 -0.04
CA ARG A 309 5.95 -14.51 0.00
C ARG A 309 6.92 -13.37 0.30
C ARG A 309 6.93 -13.35 0.32
N LYS A 310 6.71 -12.18 -0.26
CA LYS A 310 7.47 -10.99 0.10
C LYS A 310 7.03 -10.63 1.53
N PRO A 311 7.98 -10.15 2.40
CA PRO A 311 9.41 -9.91 2.16
C PRO A 311 10.40 -11.07 2.27
N LEU A 312 9.98 -12.21 2.83
CA LEU A 312 10.83 -13.45 2.88
C LEU A 312 11.50 -13.69 1.53
N PHE A 313 10.78 -13.37 0.45
CA PHE A 313 11.29 -13.43 -0.94
C PHE A 313 12.65 -12.77 -1.12
N PHE A 314 12.85 -11.63 -0.44
CA PHE A 314 14.12 -10.91 -0.50
C PHE A 314 15.20 -11.42 0.44
N GLY A 315 14.85 -12.40 1.28
CA GLY A 315 15.83 -13.15 2.07
C GLY A 315 16.05 -14.53 1.48
N GLU A 316 15.92 -15.56 2.30
CA GLU A 316 16.10 -16.94 1.80
C GLU A 316 14.99 -17.41 0.83
N GLY A 317 13.84 -16.75 0.90
CA GLY A 317 12.71 -17.06 0.04
C GLY A 317 12.18 -18.44 0.39
N THR A 318 11.57 -19.05 -0.60
CA THR A 318 11.11 -20.43 -0.46
C THR A 318 11.54 -21.19 -1.70
N VAL A 319 11.25 -22.48 -1.71
CA VAL A 319 11.62 -23.32 -2.83
C VAL A 319 10.89 -22.85 -4.10
N LEU A 320 11.63 -22.79 -5.20
CA LEU A 320 11.05 -22.43 -6.46
C LEU A 320 10.13 -23.57 -6.98
N ARG A 321 8.88 -23.25 -7.35
CA ARG A 321 7.95 -24.24 -7.89
C ARG A 321 7.52 -23.77 -9.27
N GLN A 322 6.94 -24.69 -10.07
CA GLN A 322 6.36 -24.36 -11.33
C GLN A 322 4.84 -24.52 -11.22
N VAL A 323 4.10 -23.50 -11.68
CA VAL A 323 2.66 -23.60 -11.81
C VAL A 323 2.26 -24.42 -13.06
N ASP A 324 1.34 -25.35 -12.85
CA ASP A 324 0.60 -25.94 -13.94
C ASP A 324 -0.52 -24.96 -14.31
N THR A 325 -0.34 -24.22 -15.40
CA THR A 325 -1.29 -23.16 -15.76
C THR A 325 -2.67 -23.67 -16.22
N LYS A 326 -2.75 -24.94 -16.63
CA LYS A 326 -4.01 -25.62 -16.94
C LYS A 326 -4.94 -25.78 -15.73
N THR A 327 -4.40 -26.22 -14.59
CA THR A 327 -5.20 -26.57 -13.42
C THR A 327 -5.12 -25.49 -12.35
N GLY A 328 -4.07 -24.68 -12.42
CA GLY A 328 -3.80 -23.66 -11.41
C GLY A 328 -3.12 -24.22 -10.17
N LYS A 329 -2.75 -25.50 -10.24
CA LYS A 329 -2.08 -26.18 -9.13
C LYS A 329 -0.58 -26.15 -9.34
N LEU A 330 0.17 -26.25 -8.24
CA LEU A 330 1.61 -26.45 -8.34
C LEU A 330 1.98 -27.85 -8.86
N LYS A 331 2.99 -27.92 -9.72
CA LYS A 331 3.57 -29.21 -10.06
C LYS A 331 4.32 -29.70 -8.83
N ILE A 332 4.43 -31.03 -8.69
CA ILE A 332 5.09 -31.60 -7.53
C ILE A 332 6.61 -31.50 -7.72
N GLY A 333 7.29 -30.90 -6.75
CA GLY A 333 8.73 -30.84 -6.76
C GLY A 333 9.27 -29.45 -6.94
N THR A 334 10.56 -29.30 -6.66
CA THR A 334 11.27 -28.04 -6.88
C THR A 334 11.65 -27.94 -8.34
N TYR A 335 11.39 -26.78 -8.93
CA TYR A 335 11.74 -26.56 -10.33
C TYR A 335 13.21 -26.26 -10.48
N THR A 336 13.91 -27.09 -11.24
CA THR A 336 15.37 -27.00 -11.38
C THR A 336 15.80 -26.52 -12.79
N GLY A 337 14.84 -26.47 -13.71
CA GLY A 337 15.09 -26.13 -15.12
C GLY A 337 15.34 -24.63 -15.36
N PRO A 338 15.46 -24.25 -16.65
CA PRO A 338 15.71 -22.85 -17.02
C PRO A 338 14.43 -22.05 -17.29
N LEU A 339 14.56 -20.74 -17.45
CA LEU A 339 13.46 -19.90 -17.94
C LEU A 339 13.00 -20.41 -19.30
N GLN A 340 11.73 -20.80 -19.42
CA GLN A 340 11.19 -21.20 -20.73
C GLN A 340 10.00 -20.32 -21.05
N HIS A 341 9.72 -20.15 -22.33
CA HIS A 341 8.55 -19.36 -22.72
C HIS A 341 7.29 -19.98 -22.15
N GLY A 342 6.44 -19.16 -21.55
CA GLY A 342 5.16 -19.64 -21.06
C GLY A 342 5.17 -20.31 -19.71
N ILE A 343 6.34 -20.51 -19.11
CA ILE A 343 6.42 -21.02 -17.73
C ILE A 343 5.96 -19.96 -16.71
N VAL A 344 5.28 -20.39 -15.65
CA VAL A 344 4.93 -19.50 -14.55
C VAL A 344 5.51 -20.07 -13.26
N TYR A 345 6.26 -19.26 -12.54
CA TYR A 345 6.88 -19.67 -11.28
C TYR A 345 6.08 -19.32 -10.04
N SER A 346 6.36 -20.07 -8.99
CA SER A 346 5.76 -19.91 -7.69
C SER A 346 6.84 -19.95 -6.60
N GLY A 347 6.80 -19.00 -5.67
CA GLY A 347 7.68 -19.01 -4.51
C GLY A 347 9.05 -18.49 -4.94
N GLY A 348 10.10 -19.23 -4.62
CA GLY A 348 11.48 -18.81 -4.99
C GLY A 348 11.98 -17.65 -4.15
N SER A 349 12.93 -16.91 -4.70
CA SER A 349 13.56 -15.75 -4.02
C SER A 349 13.91 -14.68 -5.04
N SER A 350 14.25 -13.48 -4.55
CA SER A 350 14.67 -12.42 -5.50
C SER A 350 15.85 -12.86 -6.38
N ASP A 351 16.70 -13.77 -5.88
CA ASP A 351 17.82 -14.35 -6.67
C ASP A 351 17.38 -15.16 -7.89
N THR A 352 16.16 -15.71 -7.83
CA THR A 352 15.51 -16.33 -8.96
C THR A 352 15.39 -15.32 -10.08
N ILE A 353 14.87 -14.13 -9.78
CA ILE A 353 14.72 -13.10 -10.80
C ILE A 353 16.09 -12.70 -11.37
N CYS A 354 17.05 -12.40 -10.50
CA CYS A 354 18.39 -12.05 -11.00
C CYS A 354 19.04 -13.12 -11.84
N ASP A 355 19.01 -14.36 -11.39
CA ASP A 355 19.63 -15.44 -12.15
C ASP A 355 18.95 -15.63 -13.49
N LEU A 356 17.63 -15.72 -13.49
CA LEU A 356 16.85 -15.99 -14.73
C LEU A 356 16.85 -14.84 -15.73
N LEU A 357 16.85 -13.61 -15.24
CA LEU A 357 16.93 -12.48 -16.15
C LEU A 357 18.35 -11.95 -16.40
N GLY A 358 19.37 -12.54 -15.77
CA GLY A 358 20.75 -12.09 -15.95
C GLY A 358 20.91 -10.66 -15.47
N ALA A 359 20.34 -10.37 -14.32
CA ALA A 359 20.27 -8.99 -13.80
C ALA A 359 21.00 -8.86 -12.43
N LYS A 360 21.63 -7.73 -12.19
CA LYS A 360 22.13 -7.36 -10.86
C LYS A 360 21.04 -6.45 -10.29
N GLY A 361 20.99 -6.32 -8.98
CA GLY A 361 19.96 -5.49 -8.34
C GLY A 361 19.80 -4.07 -8.88
N LYS A 362 20.89 -3.37 -9.17
CA LYS A 362 20.81 -1.96 -9.60
C LYS A 362 20.31 -1.78 -11.06
N ASP A 363 20.26 -2.90 -11.79
CA ASP A 363 19.67 -2.99 -13.13
C ASP A 363 18.16 -3.12 -12.99
N ILE A 364 17.64 -3.32 -11.77
CA ILE A 364 16.20 -3.57 -11.60
C ILE A 364 15.49 -2.38 -11.01
N LEU A 365 14.40 -1.96 -11.64
CA LEU A 365 13.50 -1.04 -10.99
C LEU A 365 12.27 -1.84 -10.59
N TYR A 366 12.03 -1.95 -9.28
CA TYR A 366 10.89 -2.68 -8.79
C TYR A 366 9.83 -1.71 -8.30
N ILE A 367 8.60 -1.88 -8.80
CA ILE A 367 7.47 -0.95 -8.64
C ILE A 367 6.48 -1.65 -7.70
N GLY A 368 6.27 -1.09 -6.52
CA GLY A 368 5.38 -1.73 -5.56
C GLY A 368 4.68 -0.68 -4.73
N ASP A 369 3.74 -1.14 -3.88
CA ASP A 369 2.89 -0.27 -3.02
C ASP A 369 3.17 -0.56 -1.56
N HIS A 370 3.86 -1.66 -1.26
CA HIS A 370 4.14 -2.05 0.13
C HIS A 370 5.51 -1.52 0.55
N ILE A 371 5.47 -0.46 1.34
CA ILE A 371 6.63 0.30 1.77
C ILE A 371 7.64 -0.60 2.50
N PHE A 372 7.15 -1.63 3.19
CA PHE A 372 8.00 -2.53 3.95
C PHE A 372 8.40 -3.73 3.06
N GLY A 373 7.39 -4.44 2.58
CA GLY A 373 7.55 -5.75 1.95
C GLY A 373 8.04 -5.68 0.51
N ASP A 374 7.73 -4.60 -0.20
CA ASP A 374 8.23 -4.39 -1.56
C ASP A 374 9.50 -3.53 -1.58
N ILE A 375 9.47 -2.43 -0.84
CA ILE A 375 10.38 -1.30 -1.07
C ILE A 375 11.57 -1.30 -0.12
N LEU A 376 11.30 -1.13 1.17
CA LEU A 376 12.35 -1.19 2.18
C LEU A 376 13.18 -2.50 2.09
N LYS A 377 12.52 -3.66 1.96
CA LYS A 377 13.23 -4.94 1.95
C LYS A 377 14.01 -5.19 0.67
N SER A 378 13.48 -4.82 -0.48
CA SER A 378 14.27 -4.98 -1.72
C SER A 378 15.47 -4.04 -1.73
N LYS A 379 15.29 -2.80 -1.27
CA LYS A 379 16.42 -1.88 -1.10
C LYS A 379 17.50 -2.43 -0.16
N LYS A 380 17.13 -2.70 1.10
CA LYS A 380 18.15 -3.10 2.07
C LYS A 380 18.76 -4.45 1.77
N ARG A 381 17.95 -5.43 1.32
CA ARG A 381 18.47 -6.77 1.28
C ARG A 381 19.17 -6.99 -0.02
N GLN A 382 18.78 -6.27 -1.09
CA GLN A 382 19.29 -6.60 -2.45
C GLN A 382 19.80 -5.45 -3.27
N GLY A 383 19.62 -4.23 -2.79
CA GLY A 383 20.13 -3.08 -3.54
C GLY A 383 19.40 -2.87 -4.87
N TRP A 384 18.11 -3.22 -4.89
CA TRP A 384 17.24 -2.97 -6.05
C TRP A 384 16.92 -1.48 -6.10
N ARG A 385 16.71 -0.95 -7.30
CA ARG A 385 16.16 0.39 -7.44
C ARG A 385 14.67 0.26 -7.20
N THR A 386 14.08 1.29 -6.61
CA THR A 386 12.74 1.18 -6.10
C THR A 386 11.85 2.33 -6.58
N PHE A 387 10.56 2.00 -6.80
CA PHE A 387 9.53 2.96 -7.21
C PHE A 387 8.32 2.62 -6.35
N LEU A 388 7.92 3.54 -5.48
CA LEU A 388 6.75 3.36 -4.65
C LEU A 388 5.54 4.03 -5.27
N VAL A 389 4.47 3.24 -5.46
CA VAL A 389 3.16 3.74 -5.90
C VAL A 389 2.41 4.11 -4.65
N ILE A 390 1.91 5.35 -4.60
CA ILE A 390 1.12 5.80 -3.45
C ILE A 390 -0.24 6.25 -3.95
N PRO A 391 -1.25 5.33 -4.04
CA PRO A 391 -2.54 5.70 -4.64
C PRO A 391 -3.20 6.94 -4.03
N GLU A 392 -3.11 7.16 -2.72
CA GLU A 392 -3.73 8.32 -2.08
C GLU A 392 -3.11 9.65 -2.45
N LEU A 393 -1.94 9.63 -3.10
CA LEU A 393 -1.25 10.85 -3.45
C LEU A 393 -2.09 11.68 -4.43
N ALA A 394 -2.87 10.97 -5.25
CA ALA A 394 -3.87 11.54 -6.14
C ALA A 394 -4.69 12.62 -5.40
N GLN A 395 -5.39 12.22 -4.33
CA GLN A 395 -6.16 13.16 -3.49
C GLN A 395 -5.29 14.08 -2.62
N GLU A 396 -4.28 13.53 -1.94
CA GLU A 396 -3.35 14.29 -1.08
C GLU A 396 -2.70 15.51 -1.75
N LEU A 397 -2.34 15.42 -3.04
CA LEU A 397 -1.87 16.58 -3.80
C LEU A 397 -2.95 17.65 -3.93
N HIS A 398 -4.18 17.24 -4.23
CA HIS A 398 -5.26 18.22 -4.30
C HIS A 398 -5.39 18.99 -2.99
N VAL A 399 -5.45 18.29 -1.86
CA VAL A 399 -5.51 18.96 -0.54
C VAL A 399 -4.27 19.80 -0.24
N TRP A 400 -3.09 19.29 -0.59
CA TRP A 400 -1.82 20.02 -0.38
C TRP A 400 -1.83 21.34 -1.16
N THR A 401 -2.25 21.27 -2.43
CA THR A 401 -2.31 22.45 -3.28
C THR A 401 -3.37 23.47 -2.79
N ASP A 402 -4.64 23.08 -2.72
CA ASP A 402 -5.70 24.06 -2.41
C ASP A 402 -5.83 24.42 -0.92
N LYS A 403 -5.04 23.79 -0.06
CA LYS A 403 -4.99 24.15 1.35
C LYS A 403 -3.59 24.61 1.81
N SER A 404 -2.73 24.96 0.84
CA SER A 404 -1.33 25.35 1.10
C SER A 404 -1.16 26.63 1.94
N SER A 405 -2.18 27.48 1.94
CA SER A 405 -2.17 28.70 2.77
C SER A 405 -2.24 28.38 4.26
N LEU A 406 -2.88 27.28 4.63
CA LEU A 406 -2.85 26.75 6.01
C LEU A 406 -1.44 26.30 6.43
N PHE A 407 -0.79 25.49 5.59
CA PHE A 407 0.57 25.01 5.86
C PHE A 407 1.55 26.17 5.91
N GLU A 408 1.40 27.09 4.95
CA GLU A 408 2.26 28.25 4.88
C GLU A 408 2.12 29.11 6.13
N GLU A 409 0.91 29.20 6.68
CA GLU A 409 0.69 29.96 7.93
C GLU A 409 1.45 29.28 9.07
N LEU A 410 1.36 27.96 9.11
CA LEU A 410 2.06 27.12 10.09
C LEU A 410 3.58 27.30 10.01
N GLN A 411 4.11 27.25 8.78
CA GLN A 411 5.53 27.47 8.54
C GLN A 411 6.00 28.86 9.01
N SER A 412 5.12 29.86 8.84
CA SER A 412 5.38 31.24 9.29
C SER A 412 5.57 31.33 10.81
N LEU A 413 4.56 30.83 11.54
CA LEU A 413 4.55 30.84 13.02
C LEU A 413 5.78 30.18 13.68
N ASP A 414 6.42 29.23 12.99
CA ASP A 414 7.51 28.44 13.57
C ASP A 414 8.87 29.16 13.54
N GLN A 438 1.61 29.73 19.82
CA GLN A 438 1.96 28.36 20.18
C GLN A 438 0.73 27.46 20.19
N ARG A 439 -0.36 27.99 20.75
CA ARG A 439 -1.64 27.29 20.71
C ARG A 439 -2.39 27.69 19.45
N ARG A 440 -1.85 28.71 18.79
CA ARG A 440 -2.22 29.03 17.41
C ARG A 440 -1.68 27.93 16.46
N ILE A 441 -0.45 27.49 16.72
CA ILE A 441 0.18 26.33 16.04
C ILE A 441 -0.67 25.07 16.23
N LYS A 442 -1.11 24.79 17.46
CA LYS A 442 -1.99 23.65 17.73
C LYS A 442 -3.32 23.71 16.96
N LYS A 443 -3.96 24.89 16.95
CA LYS A 443 -5.25 25.06 16.24
C LYS A 443 -5.15 24.82 14.71
N VAL A 444 -4.09 25.37 14.11
CA VAL A 444 -3.91 25.34 12.64
C VAL A 444 -3.45 23.96 12.14
N THR A 445 -2.53 23.35 12.90
CA THR A 445 -2.13 21.95 12.73
C THR A 445 -3.40 21.09 12.65
N HIS A 446 -4.28 21.27 13.64
CA HIS A 446 -5.54 20.55 13.68
C HIS A 446 -6.41 20.77 12.43
N ASP A 447 -6.64 22.03 12.07
CA ASP A 447 -7.44 22.37 10.87
C ASP A 447 -6.82 21.87 9.56
N MET A 448 -5.49 21.97 9.47
CA MET A 448 -4.75 21.44 8.34
C MET A 448 -5.08 19.96 8.23
N ASP A 449 -4.85 19.24 9.34
CA ASP A 449 -5.00 17.78 9.40
C ASP A 449 -6.41 17.30 9.06
N MET A 450 -7.41 18.03 9.57
CA MET A 450 -8.81 17.65 9.39
C MET A 450 -9.23 17.62 7.92
N CYS A 451 -8.50 18.35 7.08
CA CYS A 451 -8.82 18.43 5.65
C CYS A 451 -8.62 17.10 4.97
N TYR A 452 -7.71 16.30 5.54
CA TYR A 452 -7.35 15.00 4.98
C TYR A 452 -8.24 13.89 5.53
N GLY A 453 -8.85 14.12 6.69
CA GLY A 453 -9.55 13.07 7.41
C GLY A 453 -9.23 13.14 8.89
N MET A 454 -9.89 12.30 9.68
CA MET A 454 -9.75 12.29 11.16
C MET A 454 -8.34 11.95 11.63
N MET A 455 -7.62 11.20 10.80
CA MET A 455 -6.25 10.80 11.18
C MET A 455 -5.21 11.56 10.36
N GLY A 456 -5.64 12.62 9.69
CA GLY A 456 -4.69 13.55 9.09
C GLY A 456 -4.07 13.00 7.83
N SER A 457 -3.13 13.73 7.27
CA SER A 457 -2.39 13.32 6.07
C SER A 457 -1.55 12.05 6.30
N LEU A 458 -1.43 11.25 5.25
CA LEU A 458 -0.52 10.14 5.21
C LEU A 458 0.93 10.58 5.63
N PHE A 459 1.30 11.83 5.32
CA PHE A 459 2.71 12.27 5.26
C PHE A 459 3.14 13.16 6.40
N ARG A 460 2.15 13.69 7.13
CA ARG A 460 2.46 14.63 8.21
C ARG A 460 1.31 14.87 9.13
N SER A 461 1.65 15.42 10.29
CA SER A 461 0.72 16.10 11.17
C SER A 461 1.33 17.49 11.39
N GLY A 462 0.72 18.51 10.80
CA GLY A 462 1.29 19.84 10.80
C GLY A 462 2.69 19.86 10.21
N SER A 463 3.64 20.40 10.97
CA SER A 463 5.01 20.43 10.48
C SER A 463 5.81 19.15 10.78
N ARG A 464 5.17 18.15 11.38
CA ARG A 464 5.90 16.92 11.75
C ARG A 464 5.64 15.84 10.69
N GLN A 465 6.70 15.27 10.13
CA GLN A 465 6.54 14.22 9.15
C GLN A 465 6.23 12.89 9.83
N THR A 466 5.46 12.03 9.16
CA THR A 466 5.10 10.73 9.70
C THR A 466 6.23 9.73 9.43
N LEU A 467 6.18 8.59 10.11
CA LEU A 467 7.07 7.48 9.83
C LEU A 467 6.95 7.11 8.35
N PHE A 468 5.73 7.10 7.82
CA PHE A 468 5.54 6.70 6.41
C PHE A 468 6.29 7.65 5.49
N ALA A 469 6.09 8.95 5.67
CA ALA A 469 6.83 9.97 4.92
C ALA A 469 8.36 9.77 4.98
N SER A 470 8.91 9.50 6.16
N SER A 470 8.88 9.48 6.17
CA SER A 470 10.37 9.31 6.26
CA SER A 470 10.34 9.29 6.32
C SER A 470 10.83 8.03 5.55
C SER A 470 10.83 8.04 5.59
N GLN A 471 10.04 6.97 5.67
CA GLN A 471 10.37 5.70 4.97
C GLN A 471 10.27 5.84 3.44
N VAL A 472 9.28 6.56 2.94
CA VAL A 472 9.22 6.90 1.50
C VAL A 472 10.51 7.60 1.08
N MET A 473 10.89 8.63 1.80
CA MET A 473 12.10 9.37 1.47
C MET A 473 13.35 8.52 1.54
N ARG A 474 13.47 7.69 2.58
N ARG A 474 13.45 7.68 2.59
CA ARG A 474 14.67 6.88 2.79
CA ARG A 474 14.65 6.88 2.81
C ARG A 474 14.80 5.71 1.81
C ARG A 474 14.79 5.71 1.83
N TYR A 475 13.68 5.09 1.46
CA TYR A 475 13.71 3.79 0.78
C TYR A 475 13.20 3.77 -0.68
N ALA A 476 12.28 4.69 -1.04
CA ALA A 476 11.75 4.76 -2.41
C ALA A 476 12.59 5.76 -3.21
N ASP A 477 13.34 5.26 -4.19
CA ASP A 477 14.16 6.14 -5.03
C ASP A 477 13.27 7.09 -5.79
N LEU A 478 12.20 6.55 -6.37
CA LEU A 478 11.14 7.29 -7.08
C LEU A 478 9.78 6.97 -6.46
N TYR A 479 8.83 7.90 -6.56
CA TYR A 479 7.44 7.65 -6.16
C TYR A 479 6.44 8.50 -6.93
N ALA A 480 5.19 8.05 -6.95
CA ALA A 480 4.16 8.72 -7.74
C ALA A 480 2.85 8.14 -7.33
N ALA A 481 1.77 8.85 -7.71
CA ALA A 481 0.40 8.44 -7.50
C ALA A 481 0.09 7.14 -8.24
N SER A 482 0.79 6.91 -9.35
CA SER A 482 0.57 5.73 -10.21
C SER A 482 1.88 5.42 -10.93
N PHE A 483 2.17 4.15 -11.20
CA PHE A 483 3.36 3.80 -12.02
C PHE A 483 3.17 4.29 -13.47
N ILE A 484 1.92 4.46 -13.87
CA ILE A 484 1.61 4.98 -15.22
C ILE A 484 2.33 6.30 -15.57
N ASN A 485 2.71 7.07 -14.54
CA ASN A 485 3.36 8.36 -14.74
C ASN A 485 4.70 8.21 -15.43
N LEU A 486 5.29 7.01 -15.37
CA LEU A 486 6.50 6.67 -16.15
C LEU A 486 6.30 6.81 -17.64
N LEU A 487 5.06 6.66 -18.09
CA LEU A 487 4.75 6.82 -19.53
C LEU A 487 5.10 8.21 -20.05
N TYR A 488 5.11 9.19 -19.15
CA TYR A 488 5.25 10.59 -19.53
C TYR A 488 6.70 11.06 -19.54
N TYR A 489 7.64 10.13 -19.38
CA TYR A 489 9.08 10.41 -19.30
C TYR A 489 9.78 9.62 -20.39
N PRO A 490 10.75 10.26 -21.08
CA PRO A 490 11.41 9.60 -22.19
C PRO A 490 12.23 8.36 -21.78
N PHE A 491 12.50 7.53 -22.80
CA PHE A 491 13.19 6.25 -22.69
C PHE A 491 14.39 6.23 -21.72
N SER A 492 15.12 7.34 -21.66
CA SER A 492 16.42 7.43 -20.99
C SER A 492 16.52 8.66 -20.07
N TYR A 493 15.38 9.09 -19.54
CA TYR A 493 15.33 10.25 -18.68
C TYR A 493 16.28 10.10 -17.47
N LEU A 494 16.87 11.20 -17.03
CA LEU A 494 17.62 11.16 -15.78
C LEU A 494 16.83 11.87 -14.67
N PHE A 495 16.24 11.10 -13.75
CA PHE A 495 15.61 11.67 -12.57
C PHE A 495 16.72 12.15 -11.64
N ARG A 496 16.63 13.40 -11.20
N ARG A 496 16.66 13.42 -11.26
CA ARG A 496 17.68 14.05 -10.44
CA ARG A 496 17.70 14.07 -10.43
C ARG A 496 17.15 14.50 -9.08
C ARG A 496 17.12 14.44 -9.08
N ALA A 497 17.89 14.19 -8.02
CA ALA A 497 17.61 14.73 -6.69
C ALA A 497 18.87 15.52 -6.31
N ALA A 498 18.73 16.65 -5.61
CA ALA A 498 19.92 17.44 -5.20
C ALA A 498 20.80 16.64 -4.26
N HIS A 499 22.13 16.83 -4.34
CA HIS A 499 23.06 16.20 -3.37
C HIS A 499 22.71 16.73 -1.99
N VAL A 500 22.91 15.87 -1.01
CA VAL A 500 22.64 16.17 0.39
C VAL A 500 23.97 16.61 1.04
N LEU A 501 23.89 17.67 1.84
CA LEU A 501 25.02 18.15 2.63
C LEU A 501 24.65 18.07 4.10
N MET A 502 25.64 17.74 4.92
CA MET A 502 25.53 17.80 6.39
C MET A 502 25.53 19.25 6.82
N PRO A 503 24.95 19.58 8.00
CA PRO A 503 25.02 20.90 8.56
C PRO A 503 26.40 21.58 8.55
N HIS A 504 27.48 20.82 8.79
CA HIS A 504 28.81 21.46 8.83
C HIS A 504 29.40 21.69 7.42
N GLU A 505 28.80 21.03 6.43
CA GLU A 505 29.23 21.15 5.02
C GLU A 505 28.57 22.34 4.28
N SER A 506 27.50 22.90 4.88
CA SER A 506 26.80 24.09 4.39
C SER A 506 27.41 25.31 5.06
#